data_4RQK
#
_entry.id   4RQK
#
_cell.length_a   148.440
_cell.length_b   44.239
_cell.length_c   47.496
_cell.angle_alpha   90.000
_cell.angle_beta   100.580
_cell.angle_gamma   90.000
#
_symmetry.space_group_name_H-M   'C 1 2 1'
#
loop_
_entity.id
_entity.type
_entity.pdbx_description
1 polymer '3-phosphoinositide-dependent protein kinase 1'
2 non-polymer GLYCEROL
3 non-polymer "ADENOSINE-5'-TRIPHOSPHATE"
4 non-polymer N-(6-chloro-1,3-benzothiazol-2-yl)-1-benzothiophene-3-sulfonamide
5 non-polymer '4-(2-HYDROXYETHYL)-1-PIPERAZINE ETHANESULFONIC ACID'
6 water water
#
_entity_poly.entity_id   1
_entity_poly.type   'polypeptide(L)'
_entity_poly.pdbx_seq_one_letter_code
;GAMDGTAAEPRPGAGSLQHAQPPPQPRKKRPEDFKFGKILGEGSFSTVVLARELATSREYAIKILEKRHIIKENKVPYVT
RERDVMSRLDHPFFVKLYFTFQDDEKLYFGLSYAKNGELLKYIRKIGSFDETCTRFYTAEIVSALEYLHGKGIIHRDLKP
ENILLNEDMHIQITDFGTAKVLSPESKQARAN(SEP)FVGTAQYVSPELLTEKSACKSSDLWALGCIIYQLVAGLPPFRA
GNEGLIFAKIIKLEYDFPEKFFPKARDLVEKLLVLDATKRLGCEEMEGYGPLKAHPFFESVTWENLHQQTPPKLT
;
_entity_poly.pdbx_strand_id   A
#
loop_
_chem_comp.id
_chem_comp.type
_chem_comp.name
_chem_comp.formula
ATP non-polymer ADENOSINE-5'-TRIPHOSPHATE 'C10 H16 N5 O13 P3'
EPE non-polymer '4-(2-HYDROXYETHYL)-1-PIPERAZINE ETHANESULFONIC ACID' 'C8 H18 N2 O4 S'
GOL non-polymer GLYCEROL 'C3 H8 O3'
R1S non-polymer N-(6-chloro-1,3-benzothiazol-2-yl)-1-benzothiophene-3-sulfonamide 'C15 H9 Cl N2 O2 S3'
#
# COMPACT_ATOMS: atom_id res chain seq x y z
N PRO A 26 19.80 -20.64 -2.94
CA PRO A 26 21.07 -20.18 -3.52
C PRO A 26 22.04 -19.67 -2.46
N ARG A 27 23.26 -19.38 -2.89
CA ARG A 27 24.29 -18.85 -1.99
C ARG A 27 23.82 -17.51 -1.42
N LYS A 28 24.05 -17.27 -0.11
CA LYS A 28 23.69 -15.97 0.45
C LYS A 28 24.47 -14.90 -0.29
N LYS A 29 23.76 -13.84 -0.66
CA LYS A 29 24.38 -12.76 -1.38
C LYS A 29 25.16 -11.90 -0.41
N ARG A 30 26.11 -11.13 -0.94
CA ARG A 30 26.93 -10.22 -0.16
C ARG A 30 26.99 -8.88 -0.87
N PRO A 31 27.39 -7.81 -0.15
CA PRO A 31 27.42 -6.49 -0.80
C PRO A 31 28.32 -6.46 -2.03
N GLU A 32 29.45 -7.16 -2.01
CA GLU A 32 30.37 -7.13 -3.14
C GLU A 32 29.84 -7.88 -4.36
N ASP A 33 28.68 -8.53 -4.21
CA ASP A 33 28.05 -9.18 -5.35
C ASP A 33 27.35 -8.18 -6.25
N PHE A 34 27.28 -6.92 -5.80
CA PHE A 34 26.53 -5.88 -6.49
C PHE A 34 27.36 -4.66 -6.82
N LYS A 35 26.98 -4.01 -7.91
CA LYS A 35 27.44 -2.67 -8.22
C LYS A 35 26.31 -1.73 -7.84
N PHE A 36 26.54 -0.85 -6.88
CA PHE A 36 25.49 0.04 -6.43
C PHE A 36 25.50 1.32 -7.25
N GLY A 37 24.31 1.82 -7.53
CA GLY A 37 24.15 3.04 -8.31
C GLY A 37 23.44 4.12 -7.51
N LYS A 38 22.46 4.75 -8.13
CA LYS A 38 21.82 5.91 -7.54
C LYS A 38 20.95 5.55 -6.35
N ILE A 39 20.80 6.52 -5.45
CA ILE A 39 19.80 6.43 -4.40
C ILE A 39 18.42 6.65 -5.02
N LEU A 40 17.53 5.70 -4.78
CA LEU A 40 16.17 5.77 -5.27
C LEU A 40 15.28 6.54 -4.30
N GLY A 41 15.61 6.48 -3.02
CA GLY A 41 14.91 7.25 -2.03
C GLY A 41 15.47 7.03 -0.64
N GLU A 42 15.06 7.88 0.29
CA GLU A 42 15.53 7.80 1.66
C GLU A 42 14.33 7.82 2.59
N GLY A 43 14.34 6.92 3.58
CA GLY A 43 13.34 6.90 4.62
C GLY A 43 13.97 7.45 5.88
N SER A 44 13.20 7.48 6.96
CA SER A 44 13.72 8.03 8.22
C SER A 44 14.79 7.10 8.80
N PHE A 45 14.75 5.80 8.50
CA PHE A 45 15.84 4.93 8.94
C PHE A 45 16.22 3.87 7.90
N SER A 46 16.02 4.22 6.62
CA SER A 46 16.44 3.36 5.52
C SER A 46 16.81 4.19 4.32
N THR A 47 17.59 3.58 3.44
CA THR A 47 17.93 4.16 2.16
C THR A 47 17.73 3.07 1.12
N VAL A 48 17.13 3.42 -0.01
CA VAL A 48 16.93 2.44 -1.09
C VAL A 48 17.81 2.84 -2.25
N VAL A 49 18.63 1.89 -2.70
CA VAL A 49 19.65 2.13 -3.71
C VAL A 49 19.44 1.16 -4.86
N LEU A 50 19.61 1.66 -6.08
CA LEU A 50 19.57 0.81 -7.25
C LEU A 50 20.87 0.04 -7.34
N ALA A 51 20.78 -1.27 -7.58
CA ALA A 51 21.96 -2.12 -7.62
C ALA A 51 21.87 -3.09 -8.77
N ARG A 52 23.01 -3.37 -9.39
CA ARG A 52 23.07 -4.38 -10.43
C ARG A 52 23.86 -5.55 -9.88
N GLU A 53 23.27 -6.73 -9.95
CA GLU A 53 23.94 -7.95 -9.54
C GLU A 53 24.96 -8.35 -10.58
N LEU A 54 26.23 -8.44 -10.20
CA LEU A 54 27.31 -8.64 -11.16
C LEU A 54 27.16 -9.93 -11.95
N ALA A 55 26.84 -11.03 -11.27
CA ALA A 55 26.78 -12.34 -11.92
C ALA A 55 25.62 -12.51 -12.91
N THR A 56 24.61 -11.64 -12.84
CA THR A 56 23.38 -11.82 -13.64
C THR A 56 22.99 -10.60 -14.45
N SER A 57 23.54 -9.44 -14.09
CA SER A 57 23.16 -8.17 -14.69
CA SER A 57 23.18 -8.16 -14.67
C SER A 57 21.75 -7.72 -14.30
N ARG A 58 21.12 -8.43 -13.38
CA ARG A 58 19.78 -8.04 -12.94
C ARG A 58 19.83 -6.81 -12.05
N GLU A 59 18.82 -5.95 -12.19
CA GLU A 59 18.65 -4.79 -11.31
C GLU A 59 17.69 -5.07 -10.16
N TYR A 60 18.11 -4.65 -8.98
CA TYR A 60 17.30 -4.72 -7.78
C TYR A 60 17.27 -3.36 -7.11
N ALA A 61 16.21 -3.08 -6.38
CA ALA A 61 16.19 -1.98 -5.43
C ALA A 61 16.59 -2.60 -4.09
N ILE A 62 17.71 -2.13 -3.54
CA ILE A 62 18.19 -2.68 -2.30
C ILE A 62 17.94 -1.69 -1.18
N LYS A 63 17.15 -2.12 -0.20
CA LYS A 63 16.84 -1.30 0.96
C LYS A 63 17.85 -1.61 2.04
N ILE A 64 18.54 -0.57 2.50
CA ILE A 64 19.67 -0.73 3.41
C ILE A 64 19.37 0.01 4.71
N LEU A 65 19.63 -0.69 5.81
CA LEU A 65 19.43 -0.15 7.16
C LEU A 65 20.71 -0.30 7.96
N GLU A 66 21.03 0.71 8.76
CA GLU A 66 22.16 0.63 9.68
C GLU A 66 21.78 0.01 11.01
N LYS A 67 22.51 -1.03 11.42
CA LYS A 67 22.17 -1.80 12.61
C LYS A 67 22.20 -0.94 13.86
N ARG A 68 23.21 -0.09 13.99
CA ARG A 68 23.35 0.72 15.19
C ARG A 68 22.18 1.71 15.30
N HIS A 69 21.74 2.21 14.14
CA HIS A 69 20.67 3.18 14.10
C HIS A 69 19.34 2.54 14.50
N ILE A 70 19.03 1.36 13.94
CA ILE A 70 17.76 0.72 14.27
C ILE A 70 17.76 0.14 15.70
N ILE A 71 18.92 -0.28 16.20
CA ILE A 71 19.01 -0.76 17.59
C ILE A 71 18.80 0.40 18.52
N LYS A 72 19.39 1.54 18.20
CA LYS A 72 19.32 2.72 19.05
C LYS A 72 17.90 3.26 19.14
N GLU A 73 17.20 3.27 18.01
CA GLU A 73 15.89 3.87 17.89
C GLU A 73 14.77 2.85 17.99
N ASN A 74 15.09 1.69 18.56
CA ASN A 74 14.15 0.59 18.77
C ASN A 74 13.29 0.26 17.55
N LYS A 75 13.91 0.23 16.38
CA LYS A 75 13.18 -0.08 15.14
C LYS A 75 13.33 -1.53 14.72
N VAL A 76 13.99 -2.36 15.52
CA VAL A 76 14.24 -3.73 15.10
C VAL A 76 12.94 -4.49 14.81
N PRO A 77 11.91 -4.33 15.66
CA PRO A 77 10.63 -4.99 15.37
C PRO A 77 10.06 -4.63 13.98
N TYR A 78 10.24 -3.39 13.53
CA TYR A 78 9.72 -3.01 12.22
C TYR A 78 10.47 -3.73 11.10
N VAL A 79 11.76 -3.94 11.28
CA VAL A 79 12.58 -4.60 10.28
C VAL A 79 12.22 -6.08 10.17
N THR A 80 12.06 -6.72 11.32
CA THR A 80 11.70 -8.14 11.31
C THR A 80 10.28 -8.30 10.78
N ARG A 81 9.39 -7.35 11.11
CA ARG A 81 8.03 -7.40 10.58
C ARG A 81 8.03 -7.34 9.07
N GLU A 82 8.81 -6.40 8.53
CA GLU A 82 8.86 -6.22 7.08
C GLU A 82 9.33 -7.49 6.39
N ARG A 83 10.38 -8.13 6.91
CA ARG A 83 10.86 -9.35 6.30
C ARG A 83 9.83 -10.47 6.39
N ASP A 84 9.25 -10.63 7.57
CA ASP A 84 8.27 -11.68 7.81
CA ASP A 84 8.28 -11.70 7.78
C ASP A 84 7.06 -11.54 6.87
N VAL A 85 6.52 -10.33 6.77
CA VAL A 85 5.33 -10.12 5.96
C VAL A 85 5.67 -10.29 4.47
N MET A 86 6.74 -9.66 4.01
CA MET A 86 7.05 -9.74 2.58
C MET A 86 7.36 -11.15 2.12
N SER A 87 7.94 -11.95 3.02
CA SER A 87 8.29 -13.32 2.67
CA SER A 87 8.28 -13.33 2.70
C SER A 87 7.03 -14.16 2.40
N ARG A 88 5.88 -13.67 2.86
CA ARG A 88 4.63 -14.42 2.67
C ARG A 88 3.92 -14.08 1.36
N LEU A 89 4.35 -12.99 0.72
CA LEU A 89 3.62 -12.46 -0.42
C LEU A 89 4.15 -13.03 -1.72
N ASP A 90 3.23 -13.38 -2.60
CA ASP A 90 3.55 -13.92 -3.91
C ASP A 90 2.45 -13.53 -4.88
N HIS A 91 2.43 -12.27 -5.28
CA HIS A 91 1.38 -11.73 -6.12
C HIS A 91 1.94 -10.59 -6.97
N PRO A 92 1.46 -10.45 -8.23
CA PRO A 92 2.07 -9.46 -9.12
C PRO A 92 1.92 -8.00 -8.70
N PHE A 93 0.97 -7.67 -7.84
CA PHE A 93 0.78 -6.27 -7.46
C PHE A 93 1.51 -5.85 -6.18
N PHE A 94 2.51 -6.64 -5.77
CA PHE A 94 3.35 -6.29 -4.62
C PHE A 94 4.81 -6.30 -4.99
N VAL A 95 5.57 -5.39 -4.39
CA VAL A 95 7.02 -5.46 -4.47
C VAL A 95 7.44 -6.82 -3.94
N LYS A 96 8.34 -7.49 -4.65
CA LYS A 96 8.82 -8.80 -4.22
C LYS A 96 10.11 -8.67 -3.41
N LEU A 97 10.20 -9.48 -2.35
CA LEU A 97 11.44 -9.64 -1.61
C LEU A 97 12.15 -10.87 -2.14
N TYR A 98 13.27 -10.67 -2.83
CA TYR A 98 14.02 -11.77 -3.44
C TYR A 98 15.01 -12.41 -2.49
N PHE A 99 15.66 -11.59 -1.67
CA PHE A 99 16.72 -12.04 -0.78
C PHE A 99 16.97 -11.02 0.30
N THR A 100 17.61 -11.48 1.38
CA THR A 100 18.12 -10.62 2.42
C THR A 100 19.55 -11.05 2.76
N PHE A 101 20.35 -10.11 3.21
CA PHE A 101 21.65 -10.44 3.78
C PHE A 101 22.09 -9.31 4.70
N GLN A 102 23.23 -9.51 5.34
CA GLN A 102 23.74 -8.51 6.27
C GLN A 102 25.24 -8.54 6.30
N ASP A 103 25.83 -7.44 6.75
CA ASP A 103 27.24 -7.44 7.11
C ASP A 103 27.33 -6.88 8.53
N ASP A 104 28.51 -6.47 8.98
CA ASP A 104 28.66 -6.11 10.38
C ASP A 104 27.90 -4.83 10.74
N GLU A 105 27.68 -3.96 9.77
CA GLU A 105 27.08 -2.66 10.03
C GLU A 105 25.63 -2.54 9.55
N LYS A 106 25.24 -3.34 8.56
CA LYS A 106 24.01 -3.11 7.83
C LYS A 106 23.17 -4.34 7.53
N LEU A 107 21.86 -4.08 7.38
CA LEU A 107 20.88 -5.04 6.86
C LEU A 107 20.51 -4.67 5.45
N TYR A 108 20.36 -5.67 4.59
CA TYR A 108 20.00 -5.47 3.18
C TYR A 108 18.78 -6.28 2.77
N PHE A 109 17.80 -5.61 2.18
CA PHE A 109 16.64 -6.25 1.54
C PHE A 109 16.77 -6.13 0.03
N GLY A 110 16.78 -7.25 -0.68
CA GLY A 110 16.77 -7.22 -2.12
C GLY A 110 15.36 -7.24 -2.69
N LEU A 111 14.95 -6.11 -3.27
CA LEU A 111 13.57 -5.92 -3.72
C LEU A 111 13.44 -5.76 -5.24
N SER A 112 12.26 -6.05 -5.77
CA SER A 112 12.02 -5.75 -7.17
C SER A 112 12.10 -4.24 -7.37
N TYR A 113 12.69 -3.82 -8.48
CA TYR A 113 12.83 -2.40 -8.78
C TYR A 113 11.59 -1.87 -9.48
N ALA A 114 10.89 -0.96 -8.82
CA ALA A 114 9.71 -0.31 -9.42
C ALA A 114 10.15 0.96 -10.13
N LYS A 115 10.45 0.81 -11.42
CA LYS A 115 11.15 1.85 -12.18
C LYS A 115 10.39 3.17 -12.30
N ASN A 116 9.06 3.14 -12.23
CA ASN A 116 8.31 4.38 -12.45
C ASN A 116 7.86 5.07 -11.15
N GLY A 117 8.39 4.61 -10.02
CA GLY A 117 8.24 5.32 -8.76
C GLY A 117 6.85 5.32 -8.15
N GLU A 118 6.55 6.37 -7.40
CA GLU A 118 5.33 6.43 -6.60
C GLU A 118 4.11 6.91 -7.39
N LEU A 119 2.96 6.32 -7.08
CA LEU A 119 1.70 6.76 -7.65
C LEU A 119 1.43 8.25 -7.35
N LEU A 120 1.85 8.69 -6.16
CA LEU A 120 1.63 10.06 -5.74
C LEU A 120 2.22 11.05 -6.75
N LYS A 121 3.37 10.71 -7.30
CA LYS A 121 4.02 11.56 -8.29
C LYS A 121 3.09 11.86 -9.46
N TYR A 122 2.32 10.85 -9.88
CA TYR A 122 1.46 11.01 -11.04
C TYR A 122 0.21 11.77 -10.68
N ILE A 123 -0.29 11.57 -9.46
CA ILE A 123 -1.41 12.35 -8.98
C ILE A 123 -1.06 13.84 -8.97
N ARG A 124 0.13 14.18 -8.49
CA ARG A 124 0.53 15.58 -8.41
C ARG A 124 0.72 16.20 -9.79
N LYS A 125 1.30 15.42 -10.69
CA LYS A 125 1.60 15.91 -12.02
C LYS A 125 0.36 16.12 -12.86
N ILE A 126 -0.58 15.18 -12.76
CA ILE A 126 -1.74 15.15 -13.64
C ILE A 126 -2.91 15.86 -12.99
N GLY A 127 -2.98 15.77 -11.67
CA GLY A 127 -3.98 16.51 -10.92
C GLY A 127 -5.25 15.73 -10.69
N SER A 128 -5.77 15.09 -11.75
CA SER A 128 -7.04 14.38 -11.71
C SER A 128 -7.04 13.27 -12.76
N PHE A 129 -7.08 12.01 -12.34
CA PHE A 129 -7.17 10.89 -13.27
C PHE A 129 -8.53 10.88 -13.98
N ASP A 130 -8.55 10.50 -15.25
CA ASP A 130 -9.82 10.34 -15.93
C ASP A 130 -10.51 9.06 -15.42
N GLU A 131 -11.72 8.80 -15.88
CA GLU A 131 -12.50 7.72 -15.28
C GLU A 131 -11.86 6.35 -15.57
N THR A 132 -11.38 6.18 -16.79
CA THR A 132 -10.79 4.90 -17.19
C THR A 132 -9.53 4.60 -16.35
N CYS A 133 -8.70 5.61 -16.13
CA CYS A 133 -7.49 5.41 -15.33
C CYS A 133 -7.81 5.22 -13.85
N THR A 134 -8.78 5.97 -13.35
CA THR A 134 -9.22 5.80 -11.97
C THR A 134 -9.73 4.39 -11.78
N ARG A 135 -10.52 3.90 -12.74
CA ARG A 135 -11.12 2.58 -12.62
C ARG A 135 -10.04 1.51 -12.63
N PHE A 136 -9.08 1.65 -13.55
CA PHE A 136 -8.06 0.63 -13.71
C PHE A 136 -7.19 0.51 -12.49
N TYR A 137 -6.69 1.64 -12.00
CA TYR A 137 -5.78 1.58 -10.87
C TYR A 137 -6.51 1.22 -9.59
N THR A 138 -7.76 1.67 -9.45
CA THR A 138 -8.57 1.25 -8.30
C THR A 138 -8.76 -0.27 -8.35
N ALA A 139 -9.03 -0.81 -9.53
CA ALA A 139 -9.21 -2.25 -9.65
C ALA A 139 -7.93 -3.00 -9.24
N GLU A 140 -6.76 -2.52 -9.66
CA GLU A 140 -5.54 -3.22 -9.27
C GLU A 140 -5.36 -3.18 -7.74
N ILE A 141 -5.66 -2.05 -7.11
CA ILE A 141 -5.53 -1.95 -5.66
C ILE A 141 -6.53 -2.87 -4.97
N VAL A 142 -7.77 -2.93 -5.45
CA VAL A 142 -8.76 -3.84 -4.91
C VAL A 142 -8.29 -5.30 -5.03
N SER A 143 -7.77 -5.66 -6.20
CA SER A 143 -7.25 -7.00 -6.43
CA SER A 143 -7.24 -6.98 -6.46
C SER A 143 -6.13 -7.34 -5.45
N ALA A 144 -5.24 -6.37 -5.21
CA ALA A 144 -4.14 -6.55 -4.30
C ALA A 144 -4.64 -6.74 -2.87
N LEU A 145 -5.59 -5.90 -2.47
CA LEU A 145 -6.15 -6.00 -1.12
C LEU A 145 -6.91 -7.33 -0.93
N GLU A 146 -7.59 -7.79 -1.97
CA GLU A 146 -8.26 -9.09 -1.88
C GLU A 146 -7.25 -10.19 -1.54
N TYR A 147 -6.12 -10.16 -2.24
CA TYR A 147 -5.05 -11.12 -2.00
C TYR A 147 -4.51 -11.00 -0.58
N LEU A 148 -4.22 -9.78 -0.18
CA LEU A 148 -3.61 -9.54 1.12
C LEU A 148 -4.55 -9.98 2.24
N HIS A 149 -5.80 -9.55 2.18
CA HIS A 149 -6.78 -9.90 3.21
C HIS A 149 -7.09 -11.39 3.23
N GLY A 150 -7.01 -12.01 2.06
CA GLY A 150 -7.18 -13.46 1.95
C GLY A 150 -6.11 -14.22 2.70
N LYS A 151 -4.95 -13.60 2.86
CA LYS A 151 -3.87 -14.16 3.66
C LYS A 151 -3.94 -13.73 5.13
N GLY A 152 -4.96 -12.96 5.48
CA GLY A 152 -5.11 -12.48 6.85
C GLY A 152 -4.13 -11.38 7.21
N ILE A 153 -3.72 -10.58 6.23
CA ILE A 153 -2.75 -9.52 6.45
C ILE A 153 -3.40 -8.14 6.27
N ILE A 154 -3.18 -7.25 7.23
CA ILE A 154 -3.62 -5.85 7.15
C ILE A 154 -2.41 -5.01 6.77
N HIS A 155 -2.54 -4.14 5.78
CA HIS A 155 -1.42 -3.28 5.42
C HIS A 155 -1.21 -2.15 6.45
N ARG A 156 -2.29 -1.43 6.72
CA ARG A 156 -2.37 -0.35 7.73
C ARG A 156 -1.72 0.98 7.35
N ASP A 157 -0.96 1.03 6.26
CA ASP A 157 -0.41 2.29 5.78
C ASP A 157 -0.54 2.39 4.26
N LEU A 158 -1.71 2.03 3.78
CA LEU A 158 -1.99 2.15 2.36
C LEU A 158 -2.17 3.62 1.99
N LYS A 159 -1.38 4.06 1.01
CA LYS A 159 -1.38 5.45 0.57
C LYS A 159 -0.63 5.51 -0.75
N PRO A 160 -0.83 6.59 -1.52
CA PRO A 160 -0.19 6.63 -2.85
C PRO A 160 1.34 6.61 -2.81
N GLU A 161 1.97 7.10 -1.75
CA GLU A 161 3.42 7.00 -1.65
C GLU A 161 3.91 5.57 -1.52
N ASN A 162 3.01 4.68 -1.09
CA ASN A 162 3.35 3.25 -0.89
C ASN A 162 2.80 2.35 -1.99
N ILE A 163 2.32 2.96 -3.06
CA ILE A 163 1.88 2.24 -4.25
C ILE A 163 2.82 2.65 -5.36
N LEU A 164 3.80 1.80 -5.63
CA LEU A 164 4.78 2.12 -6.66
C LEU A 164 4.30 1.58 -8.01
N LEU A 165 5.02 1.93 -9.07
CA LEU A 165 4.64 1.56 -10.42
C LEU A 165 5.83 0.92 -11.09
N ASN A 166 5.63 -0.24 -11.70
CA ASN A 166 6.73 -0.89 -12.40
C ASN A 166 6.89 -0.33 -13.81
N GLU A 167 7.82 -0.91 -14.57
CA GLU A 167 8.11 -0.39 -15.89
C GLU A 167 6.90 -0.43 -16.83
N ASP A 168 5.99 -1.37 -16.58
CA ASP A 168 4.79 -1.54 -17.40
C ASP A 168 3.59 -0.74 -16.88
N MET A 169 3.83 0.04 -15.81
CA MET A 169 2.85 0.89 -15.15
C MET A 169 1.75 0.11 -14.42
N HIS A 170 2.07 -1.11 -13.98
CA HIS A 170 1.25 -1.84 -13.02
C HIS A 170 1.67 -1.49 -11.61
N ILE A 171 0.74 -1.54 -10.66
CA ILE A 171 1.06 -1.20 -9.28
C ILE A 171 1.96 -2.24 -8.62
N GLN A 172 2.74 -1.74 -7.68
CA GLN A 172 3.64 -2.53 -6.85
C GLN A 172 3.52 -1.99 -5.43
N ILE A 173 2.66 -2.58 -4.62
CA ILE A 173 2.46 -2.08 -3.26
C ILE A 173 3.65 -2.46 -2.39
N THR A 174 4.07 -1.53 -1.52
CA THR A 174 5.23 -1.73 -0.68
C THR A 174 5.00 -1.22 0.74
N ASP A 175 6.04 -1.30 1.56
CA ASP A 175 6.09 -0.76 2.93
C ASP A 175 5.29 -1.62 3.91
N PHE A 176 5.85 -2.79 4.22
CA PHE A 176 5.17 -3.76 5.06
C PHE A 176 5.69 -3.87 6.48
N GLY A 177 6.60 -2.98 6.87
CA GLY A 177 7.09 -2.96 8.23
C GLY A 177 6.02 -2.60 9.26
N THR A 178 4.95 -1.95 8.80
CA THR A 178 3.84 -1.61 9.70
C THR A 178 2.59 -2.45 9.41
N ALA A 179 2.73 -3.47 8.57
CA ALA A 179 1.64 -4.40 8.32
C ALA A 179 1.51 -5.41 9.47
N LYS A 180 0.42 -6.17 9.45
CA LYS A 180 0.12 -7.11 10.51
C LYS A 180 -0.43 -8.40 9.96
N VAL A 181 0.18 -9.51 10.35
CA VAL A 181 -0.37 -10.83 10.05
C VAL A 181 -1.29 -11.21 11.20
N LEU A 182 -2.57 -11.27 10.91
CA LEU A 182 -3.55 -11.62 11.90
C LEU A 182 -3.45 -13.12 12.16
N SER A 183 -3.57 -13.49 13.42
CA SER A 183 -3.42 -14.89 13.79
C SER A 183 -4.65 -15.73 13.41
N PRO A 184 -4.46 -16.75 12.55
CA PRO A 184 -5.60 -17.62 12.27
C PRO A 184 -6.02 -18.44 13.48
N GLU A 185 -5.04 -18.77 14.33
CA GLU A 185 -5.26 -19.64 15.47
C GLU A 185 -6.29 -19.08 16.44
N SER A 186 -6.26 -17.75 16.64
CA SER A 186 -7.20 -17.08 17.53
C SER A 186 -8.34 -16.39 16.78
N LYS A 187 -8.39 -16.55 15.46
CA LYS A 187 -9.37 -15.85 14.62
C LYS A 187 -9.32 -14.34 14.89
N GLN A 188 -8.10 -13.85 15.05
CA GLN A 188 -7.85 -12.44 15.31
C GLN A 188 -8.38 -11.57 14.19
N ALA A 189 -9.10 -10.50 14.57
CA ALA A 189 -9.69 -9.58 13.60
C ALA A 189 -9.12 -8.18 13.77
N ARG A 190 -8.64 -7.87 14.97
CA ARG A 190 -8.19 -6.52 15.29
C ARG A 190 -6.75 -6.53 15.79
N ALA A 191 -6.03 -5.47 15.40
CA ALA A 191 -4.62 -5.28 15.75
C ALA A 191 -4.46 -3.97 16.51
N ASN A 192 -3.54 -3.96 17.48
CA ASN A 192 -3.47 -2.87 18.47
C ASN A 192 -2.30 -1.88 18.31
N SEP A 193 -1.40 -2.12 17.38
CA SEP A 193 -0.31 -1.17 17.14
CB SEP A 193 0.76 -1.79 16.25
OG SEP A 193 1.39 -2.86 16.91
C SEP A 193 -0.84 0.11 16.50
O SEP A 193 -1.65 0.05 15.58
P SEP A 193 1.07 -4.27 16.20
O1P SEP A 193 1.91 -4.35 14.84
O2P SEP A 193 -0.51 -4.35 15.91
O3P SEP A 193 1.53 -5.42 17.23
H SEP A 193 -1.40 -2.81 16.86
HA SEP A 193 0.10 -0.93 18.00
HB2 SEP A 193 1.41 -1.13 16.03
HB3 SEP A 193 0.33 -2.13 15.44
N PHE A 194 -0.37 1.26 16.97
CA PHE A 194 -0.81 2.52 16.35
C PHE A 194 0.19 2.90 15.27
N VAL A 195 -0.21 2.66 14.04
CA VAL A 195 0.61 2.93 12.87
C VAL A 195 -0.25 3.55 11.78
N GLY A 196 0.43 4.13 10.80
CA GLY A 196 -0.25 4.68 9.64
C GLY A 196 0.13 6.12 9.38
N THR A 197 -0.60 6.73 8.45
CA THR A 197 -0.37 8.09 8.01
C THR A 197 -1.68 8.86 8.16
N ALA A 198 -1.62 10.03 8.80
CA ALA A 198 -2.82 10.72 9.26
C ALA A 198 -3.92 10.82 8.19
N GLN A 199 -3.58 11.24 6.99
CA GLN A 199 -4.60 11.48 5.97
C GLN A 199 -5.42 10.25 5.64
N TYR A 200 -4.86 9.07 5.89
CA TYR A 200 -5.47 7.80 5.50
C TYR A 200 -5.85 6.90 6.68
N VAL A 201 -5.62 7.36 7.92
CA VAL A 201 -5.92 6.60 9.12
CA VAL A 201 -5.92 6.49 9.05
C VAL A 201 -7.43 6.40 9.26
N SER A 202 -7.85 5.22 9.69
CA SER A 202 -9.25 4.91 9.86
C SER A 202 -9.79 5.46 11.18
N PRO A 203 -11.10 5.73 11.23
CA PRO A 203 -11.68 6.24 12.47
C PRO A 203 -11.60 5.24 13.61
N GLU A 204 -11.65 3.95 13.30
CA GLU A 204 -11.61 2.95 14.37
C GLU A 204 -10.25 2.97 15.06
N LEU A 205 -9.18 3.28 14.33
CA LEU A 205 -7.88 3.35 14.99
C LEU A 205 -7.84 4.54 15.94
N LEU A 206 -8.43 5.66 15.51
CA LEU A 206 -8.45 6.86 16.36
C LEU A 206 -9.35 6.70 17.59
N THR A 207 -10.47 6.00 17.45
CA THR A 207 -11.47 5.96 18.50
C THR A 207 -11.46 4.66 19.31
N GLU A 208 -11.22 3.53 18.66
CA GLU A 208 -11.20 2.23 19.33
C GLU A 208 -9.78 1.72 19.54
N LYS A 209 -8.80 2.42 18.96
CA LYS A 209 -7.38 2.15 19.16
C LYS A 209 -7.00 0.77 18.62
N SER A 210 -7.70 0.36 17.57
CA SER A 210 -7.33 -0.87 16.88
C SER A 210 -7.68 -0.75 15.40
N ALA A 211 -6.96 -1.49 14.58
CA ALA A 211 -7.24 -1.57 13.16
C ALA A 211 -7.68 -2.98 12.80
N CYS A 212 -8.33 -3.09 11.66
CA CYS A 212 -8.78 -4.37 11.12
C CYS A 212 -8.58 -4.34 9.60
N LYS A 213 -8.90 -5.43 8.91
CA LYS A 213 -8.80 -5.44 7.44
CA LYS A 213 -8.77 -5.43 7.45
C LYS A 213 -9.57 -4.28 6.82
N SER A 214 -10.76 -4.01 7.35
CA SER A 214 -11.59 -2.93 6.85
C SER A 214 -10.92 -1.54 6.94
N SER A 215 -9.93 -1.40 7.80
CA SER A 215 -9.17 -0.14 7.85
C SER A 215 -8.48 0.15 6.52
N ASP A 216 -8.06 -0.89 5.82
CA ASP A 216 -7.44 -0.72 4.49
C ASP A 216 -8.48 -0.27 3.47
N LEU A 217 -9.73 -0.67 3.67
CA LEU A 217 -10.80 -0.29 2.75
C LEU A 217 -11.13 1.18 2.92
N TRP A 218 -10.99 1.69 4.14
CA TRP A 218 -11.12 3.12 4.37
C TRP A 218 -10.04 3.87 3.59
N ALA A 219 -8.79 3.42 3.72
CA ALA A 219 -7.70 4.03 2.98
C ALA A 219 -7.97 3.97 1.46
N LEU A 220 -8.50 2.85 0.99
CA LEU A 220 -8.87 2.72 -0.43
C LEU A 220 -9.84 3.84 -0.85
N GLY A 221 -10.84 4.08 -0.01
CA GLY A 221 -11.80 5.13 -0.27
C GLY A 221 -11.10 6.49 -0.40
N CYS A 222 -10.17 6.73 0.51
CA CYS A 222 -9.38 7.94 0.47
C CYS A 222 -8.59 8.05 -0.82
N ILE A 223 -8.01 6.95 -1.25
CA ILE A 223 -7.17 6.95 -2.45
C ILE A 223 -8.00 7.16 -3.72
N ILE A 224 -9.15 6.49 -3.82
CA ILE A 224 -10.03 6.68 -4.97
C ILE A 224 -10.43 8.16 -5.07
N TYR A 225 -10.84 8.71 -3.95
CA TYR A 225 -11.19 10.13 -3.87
C TYR A 225 -10.03 10.98 -4.38
N GLN A 226 -8.83 10.67 -3.92
CA GLN A 226 -7.65 11.44 -4.29
C GLN A 226 -7.30 11.32 -5.78
N LEU A 227 -7.53 10.15 -6.38
CA LEU A 227 -7.23 9.99 -7.80
C LEU A 227 -8.06 10.97 -8.63
N VAL A 228 -9.31 11.18 -8.21
CA VAL A 228 -10.21 12.06 -8.93
C VAL A 228 -10.10 13.53 -8.52
N ALA A 229 -9.97 13.76 -7.22
CA ALA A 229 -10.01 15.09 -6.63
C ALA A 229 -8.65 15.79 -6.55
N GLY A 230 -7.57 15.00 -6.59
CA GLY A 230 -6.21 15.54 -6.52
C GLY A 230 -5.64 15.56 -5.10
N LEU A 231 -6.50 15.86 -4.14
CA LEU A 231 -6.13 15.86 -2.74
C LEU A 231 -6.98 14.82 -2.04
N PRO A 232 -6.46 14.25 -0.96
CA PRO A 232 -7.29 13.29 -0.22
C PRO A 232 -8.44 14.00 0.50
N PRO A 233 -9.41 13.25 1.02
CA PRO A 233 -10.66 13.88 1.46
C PRO A 233 -10.57 14.67 2.75
N PHE A 234 -9.73 14.24 3.68
CA PHE A 234 -9.65 14.87 4.99
C PHE A 234 -8.41 15.73 4.99
N ARG A 235 -8.63 17.03 4.84
CA ARG A 235 -7.58 17.98 4.53
C ARG A 235 -7.39 18.93 5.67
N ALA A 236 -6.15 19.06 6.14
CA ALA A 236 -5.76 20.11 7.06
C ALA A 236 -4.25 20.16 7.20
N GLY A 237 -3.77 21.23 7.80
CA GLY A 237 -2.35 21.53 7.83
C GLY A 237 -1.56 20.78 8.88
N ASN A 238 -2.24 20.06 9.77
CA ASN A 238 -1.53 19.16 10.65
C ASN A 238 -2.37 17.97 11.09
N GLU A 239 -1.73 17.01 11.74
CA GLU A 239 -2.36 15.73 12.02
C GLU A 239 -3.58 15.85 12.92
N GLY A 240 -3.52 16.66 13.98
CA GLY A 240 -4.62 16.71 14.93
C GLY A 240 -5.91 17.22 14.30
N LEU A 241 -5.78 18.20 13.41
CA LEU A 241 -6.91 18.74 12.69
C LEU A 241 -7.52 17.68 11.76
N ILE A 242 -6.65 16.89 11.12
CA ILE A 242 -7.09 15.80 10.24
C ILE A 242 -7.83 14.74 11.06
N PHE A 243 -7.27 14.37 12.20
CA PHE A 243 -7.92 13.38 13.06
C PHE A 243 -9.34 13.82 13.43
N ALA A 244 -9.50 15.11 13.75
CA ALA A 244 -10.79 15.64 14.13
C ALA A 244 -11.80 15.55 13.00
N LYS A 245 -11.34 15.77 11.77
CA LYS A 245 -12.23 15.64 10.62
C LYS A 245 -12.62 14.20 10.32
N ILE A 246 -11.66 13.29 10.49
CA ILE A 246 -11.92 11.88 10.21
C ILE A 246 -13.07 11.37 11.07
N ILE A 247 -13.03 11.65 12.37
CA ILE A 247 -14.00 11.03 13.26
C ILE A 247 -15.38 11.65 13.09
N LYS A 248 -15.45 12.81 12.44
CA LYS A 248 -16.72 13.48 12.12
C LYS A 248 -17.19 13.17 10.70
N LEU A 249 -16.38 12.42 9.96
CA LEU A 249 -16.61 12.17 8.55
C LEU A 249 -16.80 13.50 7.84
N GLU A 250 -15.90 14.44 8.11
CA GLU A 250 -16.03 15.78 7.55
C GLU A 250 -15.25 15.90 6.24
N TYR A 251 -15.96 15.69 5.14
CA TYR A 251 -15.41 15.87 3.80
C TYR A 251 -16.55 16.10 2.81
N ASP A 252 -16.20 16.59 1.63
CA ASP A 252 -17.16 16.79 0.55
C ASP A 252 -16.51 16.47 -0.78
N PHE A 253 -17.36 16.20 -1.76
CA PHE A 253 -16.91 15.91 -3.12
C PHE A 253 -16.87 17.19 -3.97
N PRO A 254 -15.84 17.30 -4.82
CA PRO A 254 -15.82 18.39 -5.79
C PRO A 254 -16.82 18.15 -6.92
N GLU A 255 -17.15 19.20 -7.68
CA GLU A 255 -17.98 19.04 -8.87
C GLU A 255 -17.31 18.11 -9.88
N LYS A 256 -18.14 17.42 -10.65
CA LYS A 256 -17.72 16.56 -11.76
C LYS A 256 -17.07 15.25 -11.31
N PHE A 257 -17.13 14.98 -10.02
CA PHE A 257 -16.68 13.71 -9.50
C PHE A 257 -17.55 12.61 -10.11
N PHE A 258 -16.92 11.65 -10.79
CA PHE A 258 -17.65 10.63 -11.52
C PHE A 258 -18.69 9.98 -10.60
N PRO A 259 -19.98 9.99 -10.98
CA PRO A 259 -21.04 9.55 -10.06
C PRO A 259 -20.89 8.14 -9.49
N LYS A 260 -20.51 7.17 -10.31
CA LYS A 260 -20.38 5.81 -9.79
C LYS A 260 -19.18 5.69 -8.87
N ALA A 261 -18.12 6.46 -9.14
CA ALA A 261 -16.99 6.53 -8.23
C ALA A 261 -17.38 7.20 -6.91
N ARG A 262 -18.19 8.26 -6.99
CA ARG A 262 -18.68 8.91 -5.77
C ARG A 262 -19.47 7.91 -4.93
N ASP A 263 -20.35 7.14 -5.56
CA ASP A 263 -21.10 6.12 -4.86
C ASP A 263 -20.19 5.11 -4.15
N LEU A 264 -19.18 4.65 -4.87
CA LEU A 264 -18.21 3.72 -4.29
C LEU A 264 -17.50 4.33 -3.07
N VAL A 265 -17.01 5.55 -3.20
CA VAL A 265 -16.32 6.20 -2.10
C VAL A 265 -17.22 6.30 -0.87
N GLU A 266 -18.49 6.67 -1.08
CA GLU A 266 -19.45 6.78 0.01
C GLU A 266 -19.73 5.45 0.69
N LYS A 267 -19.43 4.34 0.00
CA LYS A 267 -19.64 3.02 0.58
C LYS A 267 -18.35 2.48 1.24
N LEU A 268 -17.25 3.22 1.08
CA LEU A 268 -15.97 2.89 1.72
C LEU A 268 -15.68 3.82 2.90
N LEU A 269 -15.96 5.10 2.73
CA LEU A 269 -15.76 6.08 3.81
C LEU A 269 -16.98 6.10 4.73
N VAL A 270 -17.03 5.04 5.54
CA VAL A 270 -18.11 4.79 6.47
C VAL A 270 -17.50 4.63 7.85
N LEU A 271 -18.01 5.35 8.84
CA LEU A 271 -17.41 5.33 10.17
C LEU A 271 -17.41 3.92 10.76
N ASP A 272 -18.53 3.20 10.62
CA ASP A 272 -18.65 1.84 11.10
C ASP A 272 -17.88 0.90 10.17
N ALA A 273 -16.77 0.36 10.68
CA ALA A 273 -15.89 -0.50 9.88
C ALA A 273 -16.56 -1.78 9.38
N THR A 274 -17.67 -2.17 10.00
CA THR A 274 -18.37 -3.38 9.60
C THR A 274 -19.36 -3.12 8.47
N LYS A 275 -19.41 -1.88 8.00
CA LYS A 275 -20.38 -1.49 6.98
C LYS A 275 -19.71 -1.01 5.69
N ARG A 276 -18.41 -1.26 5.58
CA ARG A 276 -17.68 -0.85 4.39
C ARG A 276 -17.74 -1.95 3.35
N LEU A 277 -18.04 -1.56 2.13
CA LEU A 277 -18.10 -2.51 1.04
C LEU A 277 -16.74 -3.18 0.88
N GLY A 278 -16.74 -4.52 0.92
CA GLY A 278 -15.53 -5.30 0.82
C GLY A 278 -15.12 -5.94 2.13
N CYS A 279 -15.68 -5.48 3.24
CA CYS A 279 -15.28 -6.03 4.53
C CYS A 279 -15.98 -7.37 4.79
N GLU A 280 -15.45 -8.09 5.76
CA GLU A 280 -15.93 -9.46 6.01
C GLU A 280 -17.42 -9.47 6.37
N GLU A 281 -17.84 -8.47 7.13
CA GLU A 281 -19.23 -8.39 7.59
C GLU A 281 -20.18 -7.99 6.48
N MET A 282 -19.64 -7.44 5.39
CA MET A 282 -20.42 -7.15 4.19
CA MET A 282 -20.50 -7.23 4.22
C MET A 282 -20.23 -8.24 3.13
N GLU A 283 -19.68 -9.38 3.54
CA GLU A 283 -19.52 -10.58 2.71
C GLU A 283 -18.42 -10.45 1.64
N GLY A 284 -17.42 -9.62 1.92
CA GLY A 284 -16.13 -9.72 1.25
C GLY A 284 -16.02 -9.05 -0.11
N TYR A 285 -15.08 -9.55 -0.90
CA TYR A 285 -14.70 -8.86 -2.12
C TYR A 285 -15.65 -9.03 -3.30
N GLY A 286 -16.47 -10.08 -3.29
CA GLY A 286 -17.46 -10.26 -4.35
C GLY A 286 -18.34 -9.04 -4.55
N PRO A 287 -19.00 -8.59 -3.47
CA PRO A 287 -19.87 -7.44 -3.64
C PRO A 287 -19.11 -6.16 -4.01
N LEU A 288 -17.87 -6.02 -3.56
CA LEU A 288 -17.08 -4.84 -3.92
C LEU A 288 -16.72 -4.85 -5.41
N LYS A 289 -16.26 -5.99 -5.91
CA LYS A 289 -15.88 -6.12 -7.31
C LYS A 289 -17.08 -6.00 -8.23
N ALA A 290 -18.26 -6.26 -7.69
CA ALA A 290 -19.51 -6.14 -8.43
C ALA A 290 -20.09 -4.73 -8.44
N HIS A 291 -19.43 -3.78 -7.77
CA HIS A 291 -19.93 -2.43 -7.76
C HIS A 291 -20.01 -1.89 -9.20
N PRO A 292 -21.08 -1.13 -9.52
CA PRO A 292 -21.23 -0.58 -10.87
C PRO A 292 -20.03 0.20 -11.44
N PHE A 293 -19.22 0.80 -10.58
CA PHE A 293 -18.05 1.52 -11.05
C PHE A 293 -17.10 0.57 -11.79
N PHE A 294 -17.14 -0.71 -11.42
CA PHE A 294 -16.24 -1.71 -12.00
C PHE A 294 -16.89 -2.56 -13.10
N GLU A 295 -18.02 -2.14 -13.65
CA GLU A 295 -18.78 -2.99 -14.58
C GLU A 295 -17.94 -3.50 -15.76
N SER A 296 -17.05 -2.67 -16.29
CA SER A 296 -16.28 -3.07 -17.47
C SER A 296 -14.94 -3.73 -17.14
N VAL A 297 -14.65 -3.94 -15.87
CA VAL A 297 -13.36 -4.53 -15.46
C VAL A 297 -13.35 -6.03 -15.66
N THR A 298 -12.28 -6.53 -16.29
CA THR A 298 -11.97 -7.95 -16.28
C THR A 298 -10.96 -8.21 -15.16
N TRP A 299 -11.44 -8.81 -14.08
CA TRP A 299 -10.65 -8.96 -12.86
C TRP A 299 -9.58 -10.04 -12.97
N GLU A 300 -9.83 -11.04 -13.79
CA GLU A 300 -9.07 -12.28 -13.74
C GLU A 300 -7.60 -12.10 -14.03
N ASN A 301 -7.25 -11.15 -14.90
CA ASN A 301 -5.88 -11.04 -15.39
C ASN A 301 -5.41 -9.60 -15.57
N LEU A 302 -5.75 -8.73 -14.61
CA LEU A 302 -5.39 -7.34 -14.68
C LEU A 302 -3.92 -7.12 -14.95
N HIS A 303 -3.05 -7.93 -14.33
CA HIS A 303 -1.61 -7.64 -14.41
C HIS A 303 -1.04 -7.95 -15.80
N GLN A 304 -1.85 -8.58 -16.66
CA GLN A 304 -1.45 -8.85 -18.03
C GLN A 304 -2.13 -7.92 -19.04
N GLN A 305 -3.02 -7.07 -18.55
CA GLN A 305 -3.68 -6.07 -19.39
C GLN A 305 -2.77 -4.85 -19.51
N THR A 306 -2.86 -4.14 -20.63
CA THR A 306 -2.07 -2.93 -20.81
C THR A 306 -2.73 -1.78 -20.08
N PRO A 307 -2.04 -1.17 -19.10
CA PRO A 307 -2.71 -0.07 -18.40
C PRO A 307 -3.05 1.10 -19.34
N PRO A 308 -4.17 1.80 -19.07
CA PRO A 308 -4.50 2.98 -19.86
C PRO A 308 -3.46 4.08 -19.64
N LYS A 309 -3.18 4.87 -20.67
CA LYS A 309 -2.22 5.97 -20.55
C LYS A 309 -2.80 7.11 -19.69
N LEU A 310 -1.98 7.59 -18.76
CA LEU A 310 -2.43 8.60 -17.82
C LEU A 310 -2.62 9.98 -18.47
N THR A 311 -1.81 10.30 -19.48
CA THR A 311 -1.98 11.54 -20.24
C THR A 311 -2.47 11.24 -21.65
C1 GOL B . -5.48 -10.58 -9.48
O1 GOL B . -5.25 -11.78 -8.78
C2 GOL B . -5.24 -10.65 -10.98
O2 GOL B . -6.03 -9.68 -11.64
C3 GOL B . -3.82 -10.28 -11.31
O3 GOL B . -3.73 -10.20 -12.72
H11 GOL B . -4.84 -9.81 -9.06
H12 GOL B . -6.51 -10.28 -9.31
HO1 GOL B . -5.36 -11.62 -7.82
H2 GOL B . -5.46 -11.65 -11.35
HO2 GOL B . -5.80 -8.79 -11.31
H31 GOL B . -3.14 -11.04 -10.93
H32 GOL B . -3.56 -9.32 -10.86
HO3 GOL B . -3.74 -11.11 -13.10
C1 GOL C . 29.79 0.28 -5.50
O1 GOL C . 29.09 -0.93 -5.67
C2 GOL C . 30.30 0.80 -6.83
O2 GOL C . 29.24 0.87 -7.75
C3 GOL C . 30.88 2.19 -6.62
O3 GOL C . 31.86 2.44 -7.61
H11 GOL C . 30.63 0.12 -4.82
H12 GOL C . 29.13 1.02 -5.05
HO1 GOL C . 28.82 -1.28 -4.79
H2 GOL C . 31.08 0.14 -7.20
HO2 GOL C . 28.55 1.47 -7.42
H31 GOL C . 31.33 2.25 -5.64
H32 GOL C . 30.09 2.94 -6.69
HO3 GOL C . 32.50 3.10 -7.28
PG ATP D . 9.64 6.31 5.95
O1G ATP D . 10.31 7.49 6.59
O2G ATP D . 10.27 4.97 6.30
O3G ATP D . 8.13 6.31 5.91
PB ATP D . 9.96 5.50 3.18
O1B ATP D . 9.82 6.40 1.98
O2B ATP D . 8.99 4.37 3.44
O3B ATP D . 10.08 6.53 4.41
PA ATP D . 11.96 3.52 2.35
O1A ATP D . 13.43 3.40 2.66
O2A ATP D . 11.03 2.36 2.57
O3A ATP D . 11.45 4.82 3.17
O5' ATP D . 11.84 3.99 0.83
C5' ATP D . 12.41 5.23 0.42
C4' ATP D . 11.87 5.57 -0.96
O4' ATP D . 12.52 4.73 -1.93
C3' ATP D . 10.37 5.29 -1.14
O3' ATP D . 9.55 6.36 -0.65
C2' ATP D . 10.29 5.08 -2.63
O2' ATP D . 10.23 6.33 -3.33
C1' ATP D . 11.62 4.45 -2.99
N9 ATP D . 11.46 2.98 -3.12
C8 ATP D . 11.20 2.13 -2.11
N7 ATP D . 11.12 0.86 -2.57
C5 ATP D . 11.33 0.92 -3.90
C6 ATP D . 11.38 -0.07 -4.98
N6 ATP D . 11.16 -1.34 -4.62
N1 ATP D . 11.62 0.35 -6.24
C2 ATP D . 11.81 1.65 -6.51
N3 ATP D . 11.78 2.62 -5.57
C4 ATP D . 11.57 2.31 -4.27
H5'1 ATP D . 13.50 5.15 0.38
H5'2 ATP D . 12.15 6.02 1.13
H4' ATP D . 12.07 6.62 -1.18
H3' ATP D . 10.12 4.35 -0.63
HO3' ATP D . 8.62 6.14 -0.78
H2' ATP D . 9.45 4.42 -2.89
HO2' ATP D . 9.44 6.81 -3.06
H1' ATP D . 11.98 4.88 -3.93
H8 ATP D . 11.08 2.42 -1.08
HN61 ATP D . 10.98 -1.58 -3.66
HN62 ATP D . 11.18 -2.07 -5.33
H2 ATP D . 12.00 1.94 -7.53
CL1 R1S E . 20.35 -4.56 14.36
C02 R1S E . 20.01 -6.17 13.80
C03 R1S E . 18.69 -6.44 13.48
C04 R1S E . 18.36 -7.71 13.03
C05 R1S E . 19.32 -8.69 12.88
C06 R1S E . 20.66 -8.41 13.19
C07 R1S E . 21.00 -7.14 13.65
N08 R1S E . 18.84 -9.97 12.39
C09 R1S E . 17.47 -9.91 12.20
N10 R1S E . 16.61 -10.96 11.78
S11 R1S E . 16.76 -11.66 10.33
O12 R1S E . 18.06 -12.25 10.15
O13 R1S E . 15.88 -12.78 10.14
C14 R1S E . 16.40 -10.28 9.30
C15 R1S E . 15.25 -9.45 9.37
S16 R1S E . 15.38 -8.28 8.21
C17 R1S E . 16.85 -8.66 7.53
C18 R1S E . 17.61 -8.13 6.50
C19 R1S E . 18.83 -8.73 6.20
C20 R1S E . 19.32 -9.85 6.89
C21 R1S E . 18.57 -10.38 7.90
C22 R1S E . 17.33 -9.79 8.22
S23 R1S E . 16.91 -8.38 12.56
N1 EPE F . -0.61 17.45 -3.03
C2 EPE F . 0.35 18.42 -3.58
C3 EPE F . -0.38 19.41 -4.46
N4 EPE F . -1.07 18.73 -5.53
C5 EPE F . -1.87 17.55 -5.21
C6 EPE F . -1.32 16.70 -4.07
C7 EPE F . -1.57 19.56 -6.61
C8 EPE F . -1.84 18.76 -7.87
O8 EPE F . -3.14 18.25 -7.87
C9 EPE F . 0.10 16.49 -2.17
C10 EPE F . -0.62 16.40 -0.83
S EPE F . -0.69 14.72 -0.18
O1S EPE F . 0.63 14.08 -0.27
O2S EPE F . -1.12 14.79 1.21
O3S EPE F . -1.65 13.94 -0.94
H21 EPE F . 1.11 17.90 -4.17
H22 EPE F . 0.85 18.95 -2.77
H31 EPE F . 0.34 20.12 -4.89
H32 EPE F . -1.10 19.98 -3.87
H51 EPE F . -1.94 16.93 -6.10
H52 EPE F . -2.87 17.87 -4.96
H61 EPE F . -2.15 16.17 -3.61
H62 EPE F . -0.66 15.94 -4.47
H71 EPE F . -0.84 20.35 -6.82
H72 EPE F . -2.49 20.05 -6.28
H81 EPE F . -1.13 17.94 -7.93
H82 EPE F . -1.70 19.40 -8.75
HO8 EPE F . -3.60 18.53 -7.04
H91 EPE F . 1.12 16.82 -2.00
H92 EPE F . 0.12 15.51 -2.65
H101 EPE F . -1.64 16.77 -0.96
H102 EPE F . -0.14 17.05 -0.12
#